data_7E53
#
_entry.id   7E53
#
_cell.length_a   64.207
_cell.length_b   123.991
_cell.length_c   108.876
_cell.angle_alpha   90.000
_cell.angle_beta   90.000
_cell.angle_gamma   90.000
#
_symmetry.space_group_name_H-M   'C 2 2 21'
#
loop_
_entity.id
_entity.type
_entity.pdbx_description
1 polymer 'Green fluorescent protein'
2 polymer "Green fluorescent protein's nanobody nb2"
3 water water
#
loop_
_entity_poly.entity_id
_entity_poly.type
_entity_poly.pdbx_seq_one_letter_code
_entity_poly.pdbx_strand_id
1 'polypeptide(L)'
;GPGSKGEELFTGVVPILVELDGDVNGHKFSVRGEGEGDATNGKLTLKFICTTGKLPVPWPTLVTTL(CRO)VQCFSRYPD
HMKRHDFFKSAMPEGYVQERTISFKDDGTYKTRAEVKFEGDTLVNRIELKGIDFKEDGNILGHKLEYNFNSHNVYITADK
QKNGIKANFKIRHNVEDGSVQLADHYQQNTPIGDGPVLLPDNHYLSTQSVLSKDPNEKRDHMVLLEFVTAAGITHG
;
A
2 'polypeptide(L)'
;QVQLQESGGGSVQAGGSLRLSCAASGPTYSSYFMAWFRQAPGMEREGVAASSYDGSTTLYADSVKGRFTISQGNAKNTKF
LLLNNLEPEDTAIYYCALRRRGWSNTSGWKQPGWYDYWGQGTQVTVSS
;
B
#
# COMPACT_ATOMS: atom_id res chain seq x y z
N SER A 4 -19.43 1.47 0.69
CA SER A 4 -20.61 0.68 1.07
C SER A 4 -20.79 -0.51 0.11
N LYS A 5 -20.24 -0.35 -1.09
CA LYS A 5 -20.05 -1.48 -1.99
C LYS A 5 -18.76 -2.22 -1.68
N GLY A 6 -17.73 -1.46 -1.26
CA GLY A 6 -16.50 -2.06 -0.76
C GLY A 6 -16.66 -2.73 0.58
N GLU A 7 -17.75 -2.42 1.34
CA GLU A 7 -18.08 -3.21 2.52
C GLU A 7 -18.03 -4.70 2.21
N GLU A 8 -18.43 -5.08 0.98
CA GLU A 8 -18.61 -6.50 0.63
C GLU A 8 -17.29 -7.24 0.56
N LEU A 9 -16.21 -6.52 0.31
CA LEU A 9 -14.89 -7.10 0.29
C LEU A 9 -14.41 -7.50 1.66
N PHE A 10 -15.08 -7.04 2.75
CA PHE A 10 -14.64 -7.32 4.10
C PHE A 10 -15.61 -8.20 4.85
N THR A 11 -16.60 -8.75 4.17
CA THR A 11 -17.27 -9.93 4.73
C THR A 11 -16.23 -11.03 4.78
N GLY A 12 -16.31 -11.82 5.79
CA GLY A 12 -15.31 -12.88 5.85
C GLY A 12 -13.89 -12.40 6.16
N VAL A 13 -12.96 -13.34 6.06
CA VAL A 13 -11.60 -13.18 6.52
C VAL A 13 -10.76 -12.80 5.33
N VAL A 14 -9.90 -11.79 5.51
CA VAL A 14 -9.14 -11.18 4.41
C VAL A 14 -7.69 -11.28 4.75
N PRO A 15 -6.85 -11.83 3.90
CA PRO A 15 -5.41 -11.78 4.12
C PRO A 15 -4.88 -10.35 4.06
N ILE A 16 -3.87 -10.09 4.89
CA ILE A 16 -3.21 -8.80 4.99
C ILE A 16 -1.71 -8.95 4.71
N LEU A 17 -1.15 -8.02 3.97
CA LEU A 17 0.29 -7.88 3.81
C LEU A 17 0.61 -6.45 4.21
N VAL A 18 1.60 -6.28 5.09
CA VAL A 18 2.13 -4.97 5.46
C VAL A 18 3.63 -4.94 5.13
N GLU A 19 4.09 -3.78 4.67
CA GLU A 19 5.49 -3.63 4.23
C GLU A 19 5.92 -2.23 4.59
N LEU A 20 6.98 -2.09 5.35
CA LEU A 20 7.45 -0.80 5.80
C LEU A 20 8.93 -0.64 5.49
N ASP A 21 9.29 0.50 4.94
CA ASP A 21 10.69 0.91 4.76
C ASP A 21 10.91 2.15 5.61
N GLY A 22 11.84 2.04 6.55
CA GLY A 22 12.00 3.06 7.57
C GLY A 22 13.40 3.60 7.66
N ASP A 23 13.48 4.81 8.19
CA ASP A 23 14.74 5.51 8.44
C ASP A 23 14.50 6.45 9.62
N VAL A 24 15.11 6.13 10.77
CA VAL A 24 15.03 6.97 11.97
C VAL A 24 16.44 7.40 12.34
N ASN A 25 16.67 8.72 12.33
CA ASN A 25 18.00 9.24 12.65
C ASN A 25 19.07 8.41 11.91
N GLY A 26 18.77 8.11 10.64
CA GLY A 26 19.72 7.46 9.75
C GLY A 26 19.76 5.96 9.77
N HIS A 27 19.16 5.32 10.79
CA HIS A 27 19.21 3.87 10.89
C HIS A 27 18.15 3.25 9.96
N LYS A 28 18.61 2.61 8.88
CA LYS A 28 17.69 2.00 7.93
C LYS A 28 17.12 0.71 8.53
N PHE A 29 15.90 0.36 8.13
CA PHE A 29 15.30 -0.93 8.50
C PHE A 29 14.02 -1.17 7.71
N SER A 30 13.69 -2.46 7.55
CA SER A 30 12.53 -2.88 6.82
C SER A 30 11.71 -3.79 7.72
N VAL A 31 10.38 -3.64 7.64
CA VAL A 31 9.46 -4.53 8.33
C VAL A 31 8.46 -5.12 7.34
N ARG A 32 8.26 -6.42 7.43
CA ARG A 32 7.26 -7.14 6.65
C ARG A 32 6.30 -7.80 7.62
N GLY A 33 5.01 -7.63 7.38
CA GLY A 33 4.01 -8.23 8.23
C GLY A 33 3.01 -8.99 7.40
N GLU A 34 2.41 -10.00 8.01
CA GLU A 34 1.39 -10.80 7.32
C GLU A 34 0.46 -11.39 8.35
N GLY A 35 -0.78 -11.62 7.93
CA GLY A 35 -1.81 -12.02 8.87
C GLY A 35 -3.17 -11.99 8.21
N GLU A 36 -4.21 -11.80 9.04
CA GLU A 36 -5.58 -11.80 8.58
C GLU A 36 -6.38 -10.76 9.32
N GLY A 37 -7.41 -10.23 8.63
CA GLY A 37 -8.34 -9.33 9.25
C GLY A 37 -9.76 -9.80 9.03
N ASP A 38 -10.60 -9.54 10.03
CA ASP A 38 -12.01 -9.99 10.07
C ASP A 38 -12.84 -8.82 10.54
N ALA A 39 -13.24 -7.96 9.57
CA ALA A 39 -13.91 -6.72 9.94
C ALA A 39 -15.24 -6.96 10.64
N THR A 40 -15.84 -8.10 10.42
CA THR A 40 -17.12 -8.41 11.04
C THR A 40 -17.00 -8.35 12.54
N ASN A 41 -15.89 -8.82 13.06
CA ASN A 41 -15.60 -8.75 14.49
C ASN A 41 -14.54 -7.71 14.82
N GLY A 42 -14.15 -6.88 13.86
CA GLY A 42 -13.10 -5.91 14.11
C GLY A 42 -11.87 -6.50 14.73
N LYS A 43 -11.40 -7.62 14.23
CA LYS A 43 -10.29 -8.35 14.79
C LYS A 43 -9.20 -8.46 13.74
N LEU A 44 -7.97 -8.07 14.11
CA LEU A 44 -6.77 -8.22 13.27
C LEU A 44 -5.78 -9.15 13.96
N THR A 45 -5.23 -10.13 13.25
CA THR A 45 -4.12 -10.94 13.78
C THR A 45 -2.95 -10.81 12.81
N LEU A 46 -1.81 -10.36 13.29
CA LEU A 46 -0.65 -10.19 12.42
C LEU A 46 0.66 -10.53 13.12
N LYS A 47 1.62 -10.92 12.31
CA LYS A 47 2.98 -11.19 12.76
C LYS A 47 3.92 -10.37 11.88
N PHE A 48 4.64 -9.45 12.48
CA PHE A 48 5.60 -8.60 11.81
C PHE A 48 7.04 -9.03 12.10
N ILE A 49 7.91 -8.89 11.10
CA ILE A 49 9.29 -9.34 11.19
C ILE A 49 10.20 -8.24 10.68
N CYS A 50 11.22 -7.89 11.46
CA CYS A 50 12.22 -6.94 10.97
C CYS A 50 13.19 -7.70 10.08
N THR A 51 13.19 -7.39 8.77
CA THR A 51 13.96 -8.16 7.80
C THR A 51 15.41 -7.73 7.74
N THR A 52 15.72 -6.52 8.20
CA THR A 52 17.05 -5.97 8.17
C THR A 52 17.89 -6.34 9.40
N GLY A 53 17.28 -6.90 10.44
CA GLY A 53 18.02 -7.31 11.60
C GLY A 53 17.37 -6.90 12.90
N LYS A 54 18.08 -6.18 13.75
CA LYS A 54 17.50 -5.71 14.99
C LYS A 54 16.73 -4.42 14.69
N LEU A 55 15.55 -4.31 15.24
CA LEU A 55 14.74 -3.14 14.98
C LEU A 55 15.31 -1.99 15.79
N PRO A 56 15.68 -0.87 15.15
CA PRO A 56 16.28 0.24 15.86
C PRO A 56 15.33 1.07 16.70
N VAL A 57 14.04 0.77 16.69
CA VAL A 57 13.09 1.46 17.56
C VAL A 57 12.29 0.42 18.31
N PRO A 58 11.55 0.77 19.34
CA PRO A 58 10.72 -0.20 20.04
C PRO A 58 9.50 -0.54 19.18
N TRP A 59 9.11 -1.81 19.23
CA TRP A 59 8.00 -2.26 18.42
C TRP A 59 6.73 -1.48 18.70
N PRO A 60 6.41 -1.14 19.95
CA PRO A 60 5.15 -0.41 20.20
C PRO A 60 5.04 0.90 19.48
N THR A 61 6.17 1.53 19.12
CA THR A 61 6.08 2.84 18.48
C THR A 61 5.70 2.72 17.02
N LEU A 62 5.61 1.50 16.49
CA LEU A 62 5.24 1.30 15.10
C LEU A 62 3.85 0.72 14.92
N VAL A 63 3.19 0.37 16.02
CA VAL A 63 1.87 -0.27 15.92
C VAL A 63 0.93 0.57 15.09
N THR A 64 0.84 1.88 15.38
CA THR A 64 -0.14 2.71 14.69
C THR A 64 0.16 2.82 13.20
N THR A 65 1.43 2.78 12.84
CA THR A 65 1.79 2.91 11.42
C THR A 65 1.54 1.61 10.67
N LEU A 66 1.91 0.48 11.30
CA LEU A 66 1.73 -0.85 10.78
C LEU A 66 0.26 -1.18 10.80
N1 CRO A 67 -0.55 -0.79 11.91
CA1 CRO A 67 -1.98 -1.04 11.83
CB1 CRO A 67 -2.40 -2.16 12.79
CG1 CRO A 67 -1.70 -3.45 12.37
OG1 CRO A 67 -2.08 -1.86 14.15
C1 CRO A 67 -2.67 0.22 12.07
N2 CRO A 67 -3.15 0.62 13.26
N3 CRO A 67 -2.93 1.11 11.09
C2 CRO A 67 -3.56 2.11 11.66
O2 CRO A 67 -3.98 3.18 11.07
CA2 CRO A 67 -3.72 1.83 13.06
CA3 CRO A 67 -2.56 1.01 9.67
C3 CRO A 67 -3.75 0.79 8.80
O3 CRO A 67 -3.49 0.91 7.56
CB2 CRO A 67 -4.50 2.64 14.06
CG2 CRO A 67 -4.50 2.36 15.47
CD1 CRO A 67 -4.03 1.16 16.00
CD2 CRO A 67 -4.70 3.43 16.36
CE1 CRO A 67 -3.97 0.98 17.39
CE2 CRO A 67 -4.64 3.25 17.73
CZ CRO A 67 -4.26 2.03 18.23
OH CRO A 67 -4.20 1.79 19.58
HA1 CRO A 67 -2.25 -1.43 10.83
HB1 CRO A 67 -3.49 -2.27 12.73
HG11 CRO A 67 -1.95 -3.69 11.37
HG12 CRO A 67 -2.01 -4.25 13.02
HG13 CRO A 67 -0.65 -3.33 12.46
HOG1 CRO A 67 -1.77 -0.95 14.22
HA31 CRO A 67 -1.86 0.18 9.54
HA32 CRO A 67 -2.06 1.93 9.36
HB2 CRO A 67 -5.08 3.48 13.69
HD1 CRO A 67 -3.71 0.37 15.33
HD2 CRO A 67 -4.89 4.41 15.96
HE1 CRO A 67 -3.67 0.02 17.80
HE2 CRO A 67 -4.89 4.06 18.40
HOH CRO A 67 -5.09 1.62 19.92
N VAL A 68 -4.52 -0.29 9.39
CA VAL A 68 -5.42 -0.75 8.33
C VAL A 68 -6.79 -0.56 8.94
N GLN A 69 -7.20 0.70 9.06
CA GLN A 69 -8.42 1.01 9.82
C GLN A 69 -9.66 0.48 9.15
N CYS A 70 -9.50 -0.06 7.90
CA CYS A 70 -10.64 -0.60 7.18
C CYS A 70 -11.15 -1.87 7.77
N PHE A 71 -10.46 -2.43 8.75
CA PHE A 71 -10.90 -3.63 9.44
C PHE A 71 -11.64 -3.35 10.76
N SER A 72 -11.84 -2.09 11.10
CA SER A 72 -12.70 -1.73 12.21
C SER A 72 -14.11 -2.21 12.01
N ARG A 73 -14.78 -2.49 13.13
CA ARG A 73 -16.18 -2.89 13.14
C ARG A 73 -17.04 -1.67 13.30
N TYR A 74 -17.82 -1.34 12.27
CA TYR A 74 -18.78 -0.27 12.36
C TYR A 74 -20.17 -0.86 12.59
N PRO A 75 -20.82 -0.56 13.71
CA PRO A 75 -22.21 -1.00 13.90
C PRO A 75 -23.09 -0.60 12.74
N ASP A 76 -24.16 -1.36 12.54
CA ASP A 76 -25.01 -1.19 11.35
C ASP A 76 -25.52 0.23 11.22
N HIS A 77 -25.96 0.83 12.33
CA HIS A 77 -26.44 2.22 12.32
C HIS A 77 -25.36 3.25 12.02
N MET A 78 -24.09 2.82 11.86
CA MET A 78 -23.00 3.73 11.55
C MET A 78 -22.37 3.40 10.21
N LYS A 79 -22.93 2.47 9.46
CA LYS A 79 -22.26 1.97 8.27
C LYS A 79 -21.92 3.10 7.31
N ARG A 80 -22.83 4.07 7.15
CA ARG A 80 -22.59 5.14 6.19
C ARG A 80 -21.49 6.09 6.61
N HIS A 81 -20.93 5.93 7.80
CA HIS A 81 -19.81 6.74 8.24
C HIS A 81 -18.47 6.03 8.10
N ASP A 82 -18.44 4.83 7.51
CA ASP A 82 -17.19 4.06 7.31
C ASP A 82 -16.50 4.54 6.03
N PHE A 83 -15.61 5.51 6.17
CA PHE A 83 -14.87 5.95 4.99
C PHE A 83 -13.99 4.81 4.44
N PHE A 84 -13.35 4.06 5.32
CA PHE A 84 -12.20 3.25 4.94
C PHE A 84 -12.59 2.12 4.02
N LYS A 85 -13.70 1.46 4.29
CA LYS A 85 -14.14 0.40 3.36
C LYS A 85 -14.69 0.98 2.08
N SER A 86 -15.31 2.16 2.13
CA SER A 86 -15.88 2.76 0.93
C SER A 86 -14.82 3.06 -0.12
N ALA A 87 -13.59 3.29 0.29
CA ALA A 87 -12.53 3.55 -0.70
C ALA A 87 -12.02 2.31 -1.41
N MET A 88 -12.47 1.11 -1.01
CA MET A 88 -11.88 -0.14 -1.55
C MET A 88 -12.66 -0.63 -2.77
N PRO A 89 -12.05 -1.38 -3.69
CA PRO A 89 -10.67 -1.85 -3.65
C PRO A 89 -9.64 -0.82 -3.97
N GLU A 90 -10.09 0.34 -4.46
CA GLU A 90 -9.14 1.31 -5.07
C GLU A 90 -8.16 1.80 -4.03
N GLY A 91 -8.63 2.00 -2.80
CA GLY A 91 -7.74 2.21 -1.67
C GLY A 91 -7.65 3.67 -1.27
N TYR A 92 -6.80 3.91 -0.28
CA TYR A 92 -6.59 5.27 0.17
C TYR A 92 -5.13 5.48 0.56
N VAL A 93 -4.77 6.75 0.68
CA VAL A 93 -3.44 7.15 1.16
C VAL A 93 -3.62 7.56 2.61
N GLN A 94 -2.64 7.27 3.43
CA GLN A 94 -2.68 7.59 4.84
C GLN A 94 -1.36 8.25 5.23
N GLU A 95 -1.47 9.47 5.73
CA GLU A 95 -0.30 10.31 6.10
C GLU A 95 -0.38 10.68 7.55
N ARG A 96 0.75 10.56 8.24
CA ARG A 96 0.78 10.93 9.64
C ARG A 96 2.03 11.74 9.94
N THR A 97 1.88 12.67 10.88
CA THR A 97 2.99 13.14 11.72
C THR A 97 2.76 12.55 13.10
N ILE A 98 3.78 11.92 13.65
CA ILE A 98 3.75 11.42 15.02
C ILE A 98 4.84 12.13 15.79
N SER A 99 4.43 13.05 16.67
CA SER A 99 5.34 13.88 17.45
C SER A 99 5.49 13.26 18.82
N PHE A 100 6.67 12.69 19.09
CA PHE A 100 6.94 12.20 20.45
C PHE A 100 7.30 13.38 21.37
N LYS A 101 6.76 13.37 22.59
CA LYS A 101 6.99 14.46 23.51
C LYS A 101 8.46 14.48 23.89
N ASP A 102 9.09 15.63 23.74
CA ASP A 102 10.50 15.80 24.10
C ASP A 102 11.36 14.68 23.52
N ASP A 103 11.06 14.26 22.28
CA ASP A 103 11.95 13.42 21.49
C ASP A 103 11.63 13.68 20.02
N GLY A 104 12.09 12.81 19.13
CA GLY A 104 11.95 13.01 17.72
C GLY A 104 10.52 12.96 17.19
N THR A 105 10.45 12.97 15.86
CA THR A 105 9.19 12.93 15.12
C THR A 105 9.26 11.90 14.02
N TYR A 106 8.21 11.06 13.92
CA TYR A 106 8.03 10.20 12.76
C TYR A 106 7.14 10.92 11.73
N LYS A 107 7.49 10.77 10.46
CA LYS A 107 6.60 11.13 9.36
C LYS A 107 6.38 9.91 8.47
N THR A 108 5.12 9.60 8.17
CA THR A 108 4.77 8.38 7.46
C THR A 108 3.81 8.64 6.31
N ARG A 109 4.00 7.90 5.24
CA ARG A 109 3.18 7.97 4.05
C ARG A 109 2.93 6.55 3.57
N ALA A 110 1.66 6.22 3.32
CA ALA A 110 1.30 4.83 3.06
C ALA A 110 0.12 4.73 2.13
N GLU A 111 0.11 3.66 1.32
CA GLU A 111 -1.03 3.26 0.50
C GLU A 111 -1.63 2.01 1.13
N VAL A 112 -2.94 2.02 1.32
CA VAL A 112 -3.74 0.88 1.76
C VAL A 112 -4.72 0.59 0.63
N LYS A 113 -4.55 -0.56 -0.02
CA LYS A 113 -5.46 -0.93 -1.10
C LYS A 113 -5.42 -2.44 -1.33
N PHE A 114 -6.38 -2.94 -2.11
CA PHE A 114 -6.37 -4.36 -2.44
C PHE A 114 -5.45 -4.61 -3.60
N GLU A 115 -4.81 -5.80 -3.56
CA GLU A 115 -3.98 -6.28 -4.68
C GLU A 115 -4.48 -7.71 -4.77
N GLY A 116 -5.56 -7.92 -5.48
CA GLY A 116 -6.19 -9.24 -5.53
C GLY A 116 -7.02 -9.46 -4.30
N ASP A 117 -6.86 -10.63 -3.70
CA ASP A 117 -7.62 -11.00 -2.51
C ASP A 117 -6.98 -10.44 -1.26
N THR A 118 -5.84 -9.78 -1.38
CA THR A 118 -5.06 -9.35 -0.23
C THR A 118 -5.10 -7.82 -0.06
N LEU A 119 -5.34 -7.39 1.17
CA LEU A 119 -5.27 -5.99 1.53
C LEU A 119 -3.83 -5.68 1.90
N VAL A 120 -3.26 -4.69 1.21
CA VAL A 120 -1.85 -4.36 1.33
C VAL A 120 -1.71 -2.98 1.91
N ASN A 121 -0.74 -2.83 2.82
CA ASN A 121 -0.34 -1.55 3.43
C ASN A 121 1.14 -1.38 3.20
N ARG A 122 1.54 -0.46 2.29
CA ARG A 122 2.94 -0.16 2.07
C ARG A 122 3.28 1.19 2.68
N ILE A 123 4.29 1.21 3.55
CA ILE A 123 4.58 2.41 4.32
C ILE A 123 6.02 2.85 4.11
N GLU A 124 6.21 4.17 4.05
CA GLU A 124 7.51 4.81 4.12
C GLU A 124 7.50 5.65 5.38
N LEU A 125 8.45 5.37 6.27
CA LEU A 125 8.57 6.03 7.56
C LEU A 125 9.89 6.80 7.61
N LYS A 126 9.81 8.04 8.12
CA LYS A 126 10.94 8.94 8.24
C LYS A 126 11.00 9.48 9.67
N GLY A 127 12.11 9.21 10.34
CA GLY A 127 12.31 9.70 11.69
C GLY A 127 13.54 10.57 11.91
N ILE A 128 13.33 11.72 12.55
CA ILE A 128 14.38 12.70 12.81
C ILE A 128 14.26 13.21 14.22
N ASP A 129 15.36 13.83 14.69
CA ASP A 129 15.42 14.55 15.96
C ASP A 129 15.25 13.63 17.17
N PHE A 130 15.65 12.37 17.07
CA PHE A 130 15.56 11.46 18.20
C PHE A 130 16.85 11.48 19.01
N LYS A 131 16.74 11.77 20.32
CA LYS A 131 17.93 11.78 21.15
C LYS A 131 18.45 10.36 21.37
N GLU A 132 19.74 10.15 21.08
CA GLU A 132 20.25 8.80 20.91
C GLU A 132 20.09 7.95 22.15
N ASP A 133 19.79 8.54 23.30
CA ASP A 133 19.38 7.76 24.47
C ASP A 133 18.11 8.39 25.06
N GLY A 134 17.09 8.56 24.20
CA GLY A 134 15.74 8.81 24.63
C GLY A 134 15.01 7.51 24.91
N ASN A 135 13.70 7.63 25.07
CA ASN A 135 12.92 6.42 25.32
C ASN A 135 12.79 5.57 24.05
N ILE A 136 12.83 6.19 22.88
CA ILE A 136 12.67 5.48 21.62
C ILE A 136 13.99 4.81 21.27
N LEU A 137 15.01 5.61 20.93
CA LEU A 137 16.26 5.02 20.46
C LEU A 137 16.92 4.20 21.56
N GLY A 138 16.73 4.58 22.82
CA GLY A 138 17.28 3.82 23.92
C GLY A 138 16.42 2.66 24.37
N HIS A 139 15.53 2.20 23.49
CA HIS A 139 14.72 0.98 23.73
C HIS A 139 14.19 0.90 25.16
N LYS A 140 13.53 1.96 25.61
CA LYS A 140 13.10 2.06 27.00
C LYS A 140 11.60 1.84 27.17
N LEU A 141 10.92 1.25 26.19
CA LEU A 141 9.46 1.18 26.20
C LEU A 141 9.01 -0.25 26.50
N GLU A 142 7.94 -0.34 27.30
CA GLU A 142 7.37 -1.63 27.64
C GLU A 142 6.81 -2.28 26.38
N TYR A 143 6.81 -3.61 26.36
CA TYR A 143 6.28 -4.36 25.25
C TYR A 143 4.79 -4.59 25.49
N ASN A 144 4.00 -3.52 25.24
CA ASN A 144 2.55 -3.58 25.35
C ASN A 144 2.01 -2.33 24.71
N PHE A 145 0.70 -2.20 24.73
CA PHE A 145 0.04 -1.11 24.01
C PHE A 145 -1.31 -0.88 24.65
N ASN A 146 -1.55 0.33 25.13
CA ASN A 146 -2.75 0.65 25.89
C ASN A 146 -3.90 0.98 24.96
N SER A 147 -5.12 0.88 25.49
CA SER A 147 -6.30 1.15 24.70
C SER A 147 -6.47 2.63 24.43
N HIS A 148 -6.94 2.97 23.23
CA HIS A 148 -7.05 4.35 22.80
C HIS A 148 -8.30 4.57 21.96
N ASN A 149 -8.71 5.85 21.87
CA ASN A 149 -9.85 6.27 21.08
C ASN A 149 -9.37 7.20 19.98
N VAL A 150 -9.64 6.85 18.73
CA VAL A 150 -9.19 7.59 17.56
C VAL A 150 -10.36 8.38 17.02
N TYR A 151 -10.27 9.72 17.10
CA TYR A 151 -11.37 10.60 16.74
C TYR A 151 -11.22 10.98 15.28
N ILE A 152 -12.29 10.74 14.51
CA ILE A 152 -12.26 10.99 13.07
C ILE A 152 -13.20 12.14 12.73
N THR A 153 -12.72 13.04 11.87
CA THR A 153 -13.53 14.11 11.33
C THR A 153 -13.37 14.11 9.81
N ALA A 154 -14.33 14.73 9.13
CA ALA A 154 -14.24 14.81 7.67
C ALA A 154 -13.31 15.92 7.21
N ASP A 155 -12.77 15.74 6.01
CA ASP A 155 -11.88 16.68 5.32
C ASP A 155 -12.55 16.85 3.95
N LYS A 156 -13.62 17.64 3.91
CA LYS A 156 -14.48 17.65 2.73
C LYS A 156 -13.74 18.09 1.48
N GLN A 157 -12.75 18.97 1.62
CA GLN A 157 -12.11 19.53 0.45
C GLN A 157 -11.09 18.58 -0.18
N LYS A 158 -10.55 17.61 0.59
CA LYS A 158 -9.73 16.55 0.00
C LYS A 158 -10.50 15.22 -0.14
N ASN A 159 -11.83 15.24 -0.01
CA ASN A 159 -12.67 14.08 -0.23
C ASN A 159 -12.19 12.90 0.60
N GLY A 160 -11.77 13.17 1.83
CA GLY A 160 -11.18 12.18 2.72
C GLY A 160 -11.54 12.50 4.14
N ILE A 161 -10.62 12.14 5.06
CA ILE A 161 -10.88 12.34 6.48
C ILE A 161 -9.58 12.75 7.18
N LYS A 162 -9.72 13.12 8.44
CA LYS A 162 -8.60 13.50 9.29
C LYS A 162 -8.82 12.80 10.62
N ALA A 163 -7.74 12.66 11.39
CA ALA A 163 -7.87 12.14 12.74
C ALA A 163 -6.77 12.74 13.60
N ASN A 164 -7.09 12.92 14.87
CA ASN A 164 -6.16 13.44 15.87
C ASN A 164 -6.37 12.56 17.10
N PHE A 165 -5.27 12.09 17.70
CA PHE A 165 -5.39 11.28 18.90
C PHE A 165 -4.03 11.23 19.54
N LYS A 166 -4.03 10.82 20.81
CA LYS A 166 -2.84 10.78 21.64
C LYS A 166 -2.52 9.35 22.06
N ILE A 167 -1.30 8.90 21.82
CA ILE A 167 -0.87 7.58 22.20
C ILE A 167 0.03 7.70 23.42
N ARG A 168 -0.19 6.85 24.41
CA ARG A 168 0.47 6.87 25.72
C ARG A 168 1.25 5.57 25.85
N HIS A 169 2.56 5.63 25.62
CA HIS A 169 3.41 4.47 25.71
C HIS A 169 3.94 4.33 27.12
N ASN A 170 3.81 3.15 27.70
CA ASN A 170 4.35 2.93 29.04
C ASN A 170 5.86 2.76 28.98
N VAL A 171 6.57 3.56 29.81
CA VAL A 171 8.02 3.52 29.95
C VAL A 171 8.38 2.55 31.05
N GLU A 172 9.53 1.86 30.89
CA GLU A 172 9.94 0.83 31.83
C GLU A 172 10.14 1.38 33.24
N ASP A 173 10.19 2.71 33.41
CA ASP A 173 10.42 3.35 34.69
C ASP A 173 9.13 3.88 35.33
N GLY A 174 7.97 3.44 34.84
CA GLY A 174 6.70 3.87 35.38
C GLY A 174 6.11 5.12 34.77
N SER A 175 6.92 5.97 34.16
CA SER A 175 6.38 7.17 33.53
C SER A 175 5.70 6.76 32.23
N VAL A 176 5.24 7.76 31.48
CA VAL A 176 4.46 7.55 30.26
C VAL A 176 4.98 8.46 29.15
N GLN A 177 5.40 7.85 28.04
CA GLN A 177 5.88 8.58 26.88
C GLN A 177 4.74 8.78 25.91
N LEU A 178 4.37 10.04 25.68
CA LEU A 178 3.23 10.29 24.80
C LEU A 178 3.66 10.69 23.38
N ALA A 179 2.78 10.40 22.42
CA ALA A 179 3.07 10.52 20.99
C ALA A 179 1.85 11.11 20.30
N ASP A 180 1.92 12.36 19.87
CA ASP A 180 0.76 13.04 19.31
C ASP A 180 0.62 12.60 17.85
N HIS A 181 -0.57 12.18 17.45
CA HIS A 181 -0.80 11.71 16.11
C HIS A 181 -1.67 12.68 15.33
N TYR A 182 -1.19 13.10 14.16
CA TYR A 182 -1.97 13.89 13.21
C TYR A 182 -2.01 13.13 11.90
N GLN A 183 -3.21 12.93 11.37
CA GLN A 183 -3.44 11.95 10.31
C GLN A 183 -4.47 12.45 9.35
N GLN A 184 -4.22 12.27 8.06
CA GLN A 184 -5.21 12.55 7.01
C GLN A 184 -5.20 11.42 6.02
N ASN A 185 -6.36 11.14 5.42
CA ASN A 185 -6.56 10.03 4.48
C ASN A 185 -7.34 10.49 3.25
N THR A 186 -6.85 10.13 2.08
CA THR A 186 -7.46 10.52 0.80
C THR A 186 -7.73 9.34 -0.13
N PRO A 187 -8.87 9.30 -0.80
CA PRO A 187 -9.07 8.24 -1.77
C PRO A 187 -7.96 8.22 -2.81
N ILE A 188 -7.64 7.03 -3.30
CA ILE A 188 -6.76 6.92 -4.45
C ILE A 188 -7.58 7.07 -5.72
N GLY A 189 -8.76 6.42 -5.74
CA GLY A 189 -9.61 6.46 -6.90
C GLY A 189 -10.45 7.71 -6.96
N ASP A 190 -11.19 7.83 -8.08
CA ASP A 190 -12.09 8.94 -8.37
C ASP A 190 -13.51 8.67 -7.95
N GLY A 191 -13.91 7.39 -7.92
CA GLY A 191 -15.25 7.02 -7.54
C GLY A 191 -15.66 7.58 -6.20
N PRO A 192 -16.93 7.48 -5.86
CA PRO A 192 -17.43 8.13 -4.65
C PRO A 192 -17.04 7.40 -3.36
N VAL A 193 -17.00 8.18 -2.27
CA VAL A 193 -16.70 7.63 -0.95
C VAL A 193 -17.64 8.20 0.09
N LEU A 194 -17.72 7.48 1.23
CA LEU A 194 -18.53 7.94 2.34
C LEU A 194 -17.71 8.95 3.14
N LEU A 195 -18.23 10.15 3.29
CA LEU A 195 -17.56 11.08 4.21
C LEU A 195 -18.36 11.14 5.51
N PRO A 196 -17.72 11.09 6.67
CA PRO A 196 -18.50 10.83 7.88
C PRO A 196 -18.73 12.03 8.78
N ASP A 197 -19.69 11.89 9.69
CA ASP A 197 -19.81 12.76 10.84
C ASP A 197 -18.85 12.29 11.93
N ASN A 198 -18.42 13.23 12.76
CA ASN A 198 -17.37 12.94 13.72
C ASN A 198 -17.79 11.76 14.59
N HIS A 199 -17.01 10.68 14.51
CA HIS A 199 -17.14 9.54 15.41
C HIS A 199 -15.73 9.25 15.95
N TYR A 200 -15.58 8.16 16.66
CA TYR A 200 -14.27 7.70 17.11
C TYR A 200 -14.22 6.19 16.90
N LEU A 201 -13.00 5.67 16.81
CA LEU A 201 -12.75 4.23 16.88
C LEU A 201 -12.09 3.90 18.21
N SER A 202 -12.63 2.91 18.91
CA SER A 202 -12.06 2.44 20.17
C SER A 202 -11.26 1.18 19.94
N THR A 203 -10.01 1.20 20.34
CA THR A 203 -9.05 0.14 20.02
C THR A 203 -8.53 -0.54 21.27
N GLN A 204 -8.15 -1.80 21.12
CA GLN A 204 -7.47 -2.55 22.16
C GLN A 204 -6.53 -3.56 21.50
N SER A 205 -5.30 -3.65 22.00
CA SER A 205 -4.31 -4.49 21.35
C SER A 205 -3.55 -5.32 22.35
N VAL A 206 -3.14 -6.52 21.90
CA VAL A 206 -2.28 -7.40 22.67
C VAL A 206 -1.04 -7.67 21.85
N LEU A 207 0.14 -7.45 22.47
CA LEU A 207 1.43 -7.81 21.87
C LEU A 207 1.99 -9.07 22.51
N SER A 208 2.65 -9.90 21.71
CA SER A 208 3.21 -11.15 22.17
C SER A 208 4.44 -11.51 21.31
N LYS A 209 5.01 -12.68 21.57
CA LYS A 209 6.15 -13.17 20.81
C LYS A 209 5.88 -14.61 20.38
N ASP A 210 6.47 -14.94 19.21
CA ASP A 210 6.45 -16.33 18.72
C ASP A 210 7.67 -17.07 19.28
N PRO A 211 7.54 -18.03 20.17
CA PRO A 211 8.71 -18.66 20.76
C PRO A 211 9.61 -19.33 19.74
N ASN A 212 9.06 -19.75 18.61
CA ASN A 212 9.87 -20.41 17.60
C ASN A 212 10.57 -19.44 16.66
N GLU A 213 10.55 -18.14 16.96
CA GLU A 213 11.01 -17.13 16.02
C GLU A 213 12.26 -16.49 16.57
N LYS A 214 13.33 -16.51 15.79
CA LYS A 214 14.63 -15.98 16.18
C LYS A 214 14.87 -14.57 15.70
N ARG A 215 14.22 -14.18 14.61
CA ARG A 215 14.27 -12.80 14.12
C ARG A 215 13.56 -11.88 15.10
N ASP A 216 14.01 -10.63 15.16
CA ASP A 216 13.29 -9.61 15.89
C ASP A 216 11.90 -9.45 15.25
N HIS A 217 10.85 -9.59 16.05
CA HIS A 217 9.50 -9.66 15.50
C HIS A 217 8.45 -9.20 16.50
N MET A 218 7.22 -9.06 16.03
CA MET A 218 6.10 -8.68 16.87
C MET A 218 4.86 -9.42 16.41
N VAL A 219 4.19 -10.14 17.35
CA VAL A 219 2.85 -10.68 17.11
C VAL A 219 1.83 -9.73 17.69
N LEU A 220 0.75 -9.46 16.97
CA LEU A 220 -0.18 -8.41 17.38
C LEU A 220 -1.59 -8.92 17.19
N LEU A 221 -2.44 -8.60 18.15
CA LEU A 221 -3.86 -8.92 18.15
C LEU A 221 -4.63 -7.64 18.45
N GLU A 222 -5.55 -7.27 17.60
CA GLU A 222 -6.19 -5.96 17.73
C GLU A 222 -7.71 -6.13 17.66
N PHE A 223 -8.43 -5.33 18.43
CA PHE A 223 -9.88 -5.31 18.37
C PHE A 223 -10.32 -3.86 18.29
N VAL A 224 -10.98 -3.49 17.21
CA VAL A 224 -11.30 -2.10 17.01
C VAL A 224 -12.79 -2.03 16.75
N THR A 225 -13.46 -1.06 17.40
CA THR A 225 -14.87 -0.80 17.20
C THR A 225 -15.09 0.67 16.98
N ALA A 226 -16.01 1.01 16.06
CA ALA A 226 -16.45 2.40 15.88
C ALA A 226 -17.58 2.72 16.87
N ALA A 227 -17.56 3.96 17.39
CA ALA A 227 -18.64 4.39 18.26
C ALA A 227 -18.75 5.92 18.20
N GLY A 228 -19.83 6.43 18.81
CA GLY A 228 -20.04 7.83 18.97
C GLY A 228 -21.17 8.54 18.20
N ILE A 229 -22.03 7.75 17.54
CA ILE A 229 -23.10 8.37 16.74
C ILE A 229 -24.45 7.85 17.17
N THR A 230 -25.49 8.70 17.04
CA THR A 230 -26.83 8.51 17.62
C THR A 230 -26.80 7.90 19.04
N GLN B 1 2.09 13.71 -10.93
CA GLN B 1 2.97 13.39 -9.78
C GLN B 1 3.98 12.28 -10.15
N VAL B 2 3.49 11.17 -10.68
CA VAL B 2 4.31 10.00 -10.95
C VAL B 2 4.74 10.00 -12.42
N GLN B 3 6.00 9.58 -12.66
CA GLN B 3 6.58 9.74 -13.99
C GLN B 3 7.09 8.43 -14.56
N LEU B 4 7.14 8.40 -15.90
CA LEU B 4 7.25 7.18 -16.68
C LEU B 4 8.41 7.26 -17.67
N GLN B 5 9.49 6.55 -17.37
CA GLN B 5 10.56 6.33 -18.34
C GLN B 5 10.20 5.10 -19.17
N GLU B 6 10.34 5.20 -20.47
CA GLU B 6 10.06 4.09 -21.38
C GLU B 6 11.14 4.09 -22.44
N SER B 7 11.60 2.91 -22.80
CA SER B 7 12.79 2.82 -23.63
C SER B 7 12.79 1.53 -24.41
N GLY B 8 13.79 1.39 -25.27
CA GLY B 8 14.12 0.14 -25.93
C GLY B 8 13.16 -0.31 -27.01
N GLY B 9 12.76 0.60 -27.90
CA GLY B 9 12.05 0.22 -29.09
C GLY B 9 13.04 -0.06 -30.20
N GLY B 10 12.56 0.10 -31.43
CA GLY B 10 13.44 0.02 -32.58
C GLY B 10 12.81 -0.76 -33.72
N SER B 11 13.69 -1.21 -34.63
CA SER B 11 13.33 -1.87 -35.89
C SER B 11 14.02 -3.23 -35.99
N VAL B 12 13.34 -4.18 -36.65
CA VAL B 12 13.87 -5.51 -36.86
C VAL B 12 13.28 -6.11 -38.13
N GLN B 13 13.95 -7.15 -38.63
CA GLN B 13 13.40 -7.97 -39.70
C GLN B 13 12.47 -9.02 -39.10
N ALA B 14 11.55 -9.54 -39.93
CA ALA B 14 10.65 -10.59 -39.49
C ALA B 14 11.45 -11.63 -38.71
N GLY B 15 10.88 -12.10 -37.60
CA GLY B 15 11.49 -13.11 -36.77
C GLY B 15 12.34 -12.58 -35.62
N GLY B 16 12.90 -11.40 -35.78
CA GLY B 16 13.75 -10.85 -34.76
C GLY B 16 13.07 -10.59 -33.43
N SER B 17 13.71 -9.77 -32.59
CA SER B 17 13.22 -9.56 -31.24
C SER B 17 13.70 -8.21 -30.71
N LEU B 18 12.85 -7.56 -29.91
CA LEU B 18 13.22 -6.35 -29.19
C LEU B 18 12.76 -6.47 -27.74
N ARG B 19 13.38 -5.67 -26.88
CA ARG B 19 13.02 -5.64 -25.46
C ARG B 19 12.62 -4.22 -25.10
N LEU B 20 11.34 -4.05 -24.72
CA LEU B 20 10.84 -2.79 -24.19
C LEU B 20 11.15 -2.67 -22.69
N SER B 21 11.34 -1.44 -22.24
CA SER B 21 11.55 -1.16 -20.84
C SER B 21 10.50 -0.18 -20.34
N CYS B 22 10.32 -0.16 -19.03
CA CYS B 22 9.40 0.81 -18.42
C CYS B 22 9.66 0.85 -16.93
N ALA B 23 9.81 2.05 -16.41
CA ALA B 23 10.04 2.26 -14.99
C ALA B 23 9.15 3.42 -14.54
N ALA B 24 8.66 3.32 -13.32
CA ALA B 24 7.80 4.31 -12.74
C ALA B 24 8.55 4.96 -11.59
N SER B 25 8.83 6.25 -11.71
CA SER B 25 9.41 7.01 -10.63
C SER B 25 8.29 7.74 -9.93
N GLY B 26 8.20 7.54 -8.62
CA GLY B 26 7.17 8.17 -7.83
C GLY B 26 7.41 7.90 -6.35
N PRO B 27 6.39 8.08 -5.53
CA PRO B 27 6.51 7.69 -4.12
C PRO B 27 6.93 6.23 -4.06
N THR B 28 8.00 5.95 -3.35
CA THR B 28 8.52 4.58 -3.29
C THR B 28 7.68 3.63 -2.48
N TYR B 29 6.60 4.11 -1.85
CA TYR B 29 5.66 3.19 -1.22
C TYR B 29 4.55 2.78 -2.18
N SER B 30 4.42 3.46 -3.33
CA SER B 30 3.38 3.12 -4.31
C SER B 30 3.72 1.85 -5.08
N SER B 31 2.69 1.06 -5.35
CA SER B 31 2.79 -0.09 -6.24
C SER B 31 1.88 0.14 -7.43
N TYR B 32 2.26 -0.41 -8.58
CA TYR B 32 1.50 -0.23 -9.81
C TYR B 32 1.34 -1.59 -10.49
N PHE B 33 0.13 -1.83 -10.98
CA PHE B 33 -0.12 -2.87 -11.97
C PHE B 33 0.26 -2.29 -13.31
N MET B 34 1.22 -2.88 -13.99
CA MET B 34 1.82 -2.32 -15.19
C MET B 34 1.45 -3.15 -16.42
N ALA B 35 1.15 -2.46 -17.52
CA ALA B 35 0.79 -3.08 -18.78
C ALA B 35 1.53 -2.43 -19.95
N TRP B 36 1.52 -3.11 -21.09
CA TRP B 36 1.78 -2.48 -22.38
C TRP B 36 0.55 -2.64 -23.29
N PHE B 37 0.06 -1.53 -23.83
CA PHE B 37 -0.84 -1.55 -24.98
C PHE B 37 -0.06 -1.16 -26.24
N ARG B 38 -0.62 -1.52 -27.39
CA ARG B 38 -0.04 -1.12 -28.67
C ARG B 38 -1.14 -0.57 -29.56
N GLN B 39 -0.77 0.42 -30.38
CA GLN B 39 -1.68 1.03 -31.34
C GLN B 39 -1.09 0.91 -32.74
N ALA B 40 -1.79 0.17 -33.61
CA ALA B 40 -1.54 0.10 -35.06
C ALA B 40 -1.87 1.45 -35.71
N PRO B 41 -1.65 1.62 -37.04
CA PRO B 41 -1.68 2.98 -37.63
C PRO B 41 -2.97 3.78 -37.39
N GLY B 42 -4.09 3.31 -37.95
CA GLY B 42 -5.37 3.98 -37.75
C GLY B 42 -6.32 3.19 -36.87
N MET B 43 -5.85 2.06 -36.32
CA MET B 43 -6.62 1.20 -35.42
C MET B 43 -6.47 1.66 -33.97
N GLU B 44 -7.19 0.98 -33.06
CA GLU B 44 -7.27 1.38 -31.68
C GLU B 44 -6.17 0.73 -30.81
N ARG B 45 -6.02 1.28 -29.60
CA ARG B 45 -5.18 0.67 -28.57
C ARG B 45 -5.78 -0.66 -28.16
N GLU B 46 -4.97 -1.72 -28.21
CA GLU B 46 -5.32 -3.02 -27.67
C GLU B 46 -4.32 -3.40 -26.58
N GLY B 47 -4.74 -4.25 -25.66
CA GLY B 47 -3.83 -4.77 -24.66
C GLY B 47 -2.90 -5.82 -25.24
N VAL B 48 -1.66 -5.81 -24.78
CA VAL B 48 -0.64 -6.79 -25.16
C VAL B 48 -0.31 -7.72 -23.99
N ALA B 49 0.25 -7.16 -22.90
CA ALA B 49 0.72 -7.91 -21.76
C ALA B 49 0.67 -7.06 -20.49
N ALA B 50 0.56 -7.70 -19.33
CA ALA B 50 0.44 -6.97 -18.08
C ALA B 50 0.91 -7.82 -16.91
N SER B 51 1.31 -7.17 -15.85
CA SER B 51 1.91 -7.88 -14.73
C SER B 51 1.71 -7.05 -13.47
N SER B 52 1.34 -7.73 -12.39
CA SER B 52 1.21 -7.13 -11.08
C SER B 52 2.54 -6.61 -10.60
N TYR B 53 2.47 -5.80 -9.55
CA TYR B 53 3.65 -5.22 -8.91
C TYR B 53 4.69 -6.26 -8.54
N ASP B 54 4.27 -7.37 -7.88
CA ASP B 54 5.24 -8.38 -7.43
C ASP B 54 5.58 -9.42 -8.49
N GLY B 55 5.10 -9.28 -9.72
CA GLY B 55 5.35 -10.33 -10.71
C GLY B 55 4.55 -11.59 -10.49
N SER B 56 3.66 -11.57 -9.51
CA SER B 56 2.89 -12.74 -9.12
C SER B 56 1.81 -13.12 -10.10
N THR B 57 1.28 -12.14 -10.84
CA THR B 57 0.29 -12.41 -11.91
C THR B 57 0.78 -11.76 -13.20
N THR B 58 0.70 -12.48 -14.28
CA THR B 58 1.22 -12.02 -15.56
C THR B 58 0.22 -12.45 -16.59
N LEU B 59 -0.24 -11.51 -17.41
CA LEU B 59 -1.33 -11.75 -18.35
C LEU B 59 -0.90 -11.37 -19.74
N TYR B 60 -1.38 -12.12 -20.74
CA TYR B 60 -1.09 -11.92 -22.16
C TYR B 60 -2.33 -12.00 -22.99
N ALA B 61 -2.41 -11.12 -24.01
CA ALA B 61 -3.52 -11.13 -24.97
C ALA B 61 -3.35 -12.26 -25.99
N ASP B 62 -4.42 -12.52 -26.75
CA ASP B 62 -4.41 -13.64 -27.71
C ASP B 62 -3.40 -13.45 -28.84
N SER B 63 -3.16 -12.21 -29.27
CA SER B 63 -2.16 -11.97 -30.28
C SER B 63 -0.74 -12.38 -29.83
N VAL B 64 -0.50 -12.58 -28.54
CA VAL B 64 0.87 -12.87 -28.09
C VAL B 64 1.27 -14.31 -28.40
N LYS B 65 0.35 -15.26 -28.20
CA LYS B 65 0.63 -16.68 -28.43
C LYS B 65 1.99 -17.06 -27.86
N GLY B 66 2.14 -16.84 -26.55
CA GLY B 66 3.38 -17.19 -25.88
C GLY B 66 4.68 -16.72 -26.53
N ARG B 67 4.61 -15.68 -27.35
CA ARG B 67 5.82 -15.12 -27.94
C ARG B 67 6.48 -14.02 -27.12
N PHE B 68 5.70 -13.31 -26.28
CA PHE B 68 6.17 -12.17 -25.51
C PHE B 68 6.17 -12.51 -24.02
N THR B 69 7.16 -11.96 -23.30
CA THR B 69 7.36 -12.27 -21.90
C THR B 69 7.68 -11.01 -21.12
N ILE B 70 6.94 -10.79 -20.04
CA ILE B 70 7.29 -9.76 -19.09
C ILE B 70 8.28 -10.32 -18.10
N SER B 71 9.27 -9.54 -17.73
CA SER B 71 10.20 -9.97 -16.69
C SER B 71 10.39 -8.81 -15.72
N GLN B 72 10.60 -9.15 -14.45
CA GLN B 72 10.72 -8.12 -13.41
C GLN B 72 12.08 -7.49 -13.48
N GLY B 73 12.14 -6.18 -13.26
CA GLY B 73 13.37 -5.42 -13.33
C GLY B 73 14.13 -5.44 -12.03
N ASN B 74 15.34 -4.85 -12.11
CA ASN B 74 16.22 -4.72 -10.93
C ASN B 74 15.52 -3.99 -9.78
N ALA B 75 14.75 -2.94 -10.12
CA ALA B 75 14.25 -1.98 -9.18
C ALA B 75 12.75 -2.18 -8.97
N LYS B 76 12.21 -1.38 -8.04
CA LYS B 76 10.88 -1.54 -7.50
C LYS B 76 9.83 -1.66 -8.59
N ASN B 77 9.57 -0.56 -9.29
CA ASN B 77 8.45 -0.54 -10.23
C ASN B 77 8.95 -0.45 -11.66
N THR B 78 9.87 -1.33 -12.05
CA THR B 78 10.43 -1.31 -13.39
C THR B 78 10.41 -2.72 -13.99
N LYS B 79 10.08 -2.79 -15.26
CA LYS B 79 9.89 -4.08 -15.90
C LYS B 79 10.31 -4.01 -17.36
N PHE B 80 10.54 -5.18 -17.96
CA PHE B 80 10.82 -5.31 -19.38
C PHE B 80 9.78 -6.20 -20.04
N LEU B 81 9.49 -5.89 -21.29
CA LEU B 81 8.63 -6.74 -22.14
C LEU B 81 9.49 -7.22 -23.30
N LEU B 82 9.79 -8.51 -23.32
CA LEU B 82 10.59 -9.10 -24.40
C LEU B 82 9.66 -9.51 -25.53
N LEU B 83 9.93 -8.99 -26.72
CA LEU B 83 9.17 -9.30 -27.93
C LEU B 83 10.00 -10.29 -28.77
N ASN B 84 9.55 -11.54 -28.85
CA ASN B 84 10.18 -12.55 -29.67
C ASN B 84 9.36 -12.84 -30.92
N ASN B 85 10.04 -13.42 -31.93
CA ASN B 85 9.37 -13.92 -33.12
C ASN B 85 8.47 -12.86 -33.74
N LEU B 86 9.03 -11.66 -33.88
CA LEU B 86 8.26 -10.52 -34.36
C LEU B 86 7.83 -10.73 -35.81
N GLU B 87 6.62 -10.25 -36.13
CA GLU B 87 6.07 -10.28 -37.47
C GLU B 87 5.62 -8.88 -37.84
N PRO B 88 5.41 -8.60 -39.15
CA PRO B 88 5.04 -7.23 -39.53
C PRO B 88 3.74 -6.76 -38.92
N GLU B 89 2.83 -7.66 -38.60
CA GLU B 89 1.57 -7.30 -37.94
C GLU B 89 1.75 -6.75 -36.52
N ASP B 90 2.96 -6.87 -35.96
CA ASP B 90 3.25 -6.37 -34.63
C ASP B 90 3.87 -4.98 -34.68
N THR B 91 3.93 -4.37 -35.85
CA THR B 91 4.40 -2.99 -35.96
C THR B 91 3.38 -2.06 -35.33
N ALA B 92 3.86 -1.17 -34.45
CA ALA B 92 2.98 -0.23 -33.75
C ALA B 92 3.75 0.63 -32.76
N ILE B 93 3.07 1.56 -32.09
CA ILE B 93 3.65 2.26 -30.95
C ILE B 93 3.15 1.55 -29.69
N TYR B 94 4.08 1.29 -28.77
CA TYR B 94 3.83 0.46 -27.61
C TYR B 94 3.85 1.37 -26.39
N TYR B 95 2.70 1.44 -25.71
CA TYR B 95 2.54 2.35 -24.58
C TYR B 95 2.61 1.58 -23.28
N CYS B 96 3.43 2.07 -22.34
CA CYS B 96 3.40 1.62 -20.96
C CYS B 96 2.22 2.27 -20.24
N ALA B 97 1.44 1.48 -19.52
CA ALA B 97 0.37 1.97 -18.67
C ALA B 97 0.53 1.49 -17.23
N LEU B 98 0.15 2.34 -16.28
CA LEU B 98 0.23 2.03 -14.87
C LEU B 98 -1.12 2.19 -14.18
N ARG B 99 -1.45 1.25 -13.28
CA ARG B 99 -2.61 1.36 -12.42
C ARG B 99 -2.15 1.46 -10.98
N ARG B 100 -2.45 2.62 -10.34
CA ARG B 100 -2.16 2.80 -8.93
C ARG B 100 -3.34 2.35 -8.06
N ARG B 101 -4.57 2.51 -8.55
CA ARG B 101 -5.73 2.09 -7.76
C ARG B 101 -5.63 0.58 -7.47
N GLY B 102 -6.11 0.17 -6.30
CA GLY B 102 -6.21 -1.24 -5.98
C GLY B 102 -7.22 -1.95 -6.90
N TRP B 103 -7.23 -3.27 -6.79
CA TRP B 103 -8.03 -4.11 -7.65
C TRP B 103 -8.37 -5.37 -6.92
N SER B 104 -9.56 -5.90 -7.18
CA SER B 104 -9.96 -7.20 -6.64
C SER B 104 -9.62 -8.34 -7.59
N ASN B 105 -9.69 -8.09 -8.88
CA ASN B 105 -9.41 -9.09 -9.89
C ASN B 105 -8.95 -8.38 -11.14
N THR B 106 -8.50 -9.17 -12.12
CA THR B 106 -7.83 -8.61 -13.27
C THR B 106 -8.67 -8.71 -14.51
N SER B 107 -9.97 -8.94 -14.34
CA SER B 107 -10.87 -9.04 -15.48
C SER B 107 -10.86 -7.79 -16.35
N GLY B 108 -10.67 -6.62 -15.75
CA GLY B 108 -10.63 -5.39 -16.49
C GLY B 108 -9.33 -5.04 -17.16
N TRP B 109 -8.33 -5.91 -17.13
CA TRP B 109 -6.99 -5.45 -17.48
C TRP B 109 -6.85 -4.98 -18.91
N LYS B 110 -7.71 -5.44 -19.83
CA LYS B 110 -7.58 -5.10 -21.25
C LYS B 110 -8.24 -3.78 -21.65
N GLN B 111 -8.93 -3.08 -20.72
CA GLN B 111 -9.58 -1.81 -21.00
C GLN B 111 -8.65 -0.67 -20.69
N PRO B 112 -8.55 0.36 -21.52
CA PRO B 112 -7.64 1.48 -21.16
C PRO B 112 -8.11 2.25 -19.93
N GLY B 113 -9.41 2.23 -19.62
CA GLY B 113 -9.89 2.87 -18.41
C GLY B 113 -9.58 2.13 -17.15
N TRP B 114 -8.93 0.98 -17.25
CA TRP B 114 -8.47 0.27 -16.05
C TRP B 114 -7.25 0.96 -15.44
N TYR B 115 -6.59 1.83 -16.19
CA TYR B 115 -5.29 2.37 -15.79
C TYR B 115 -5.45 3.81 -15.36
N ASP B 116 -4.31 4.42 -15.01
CA ASP B 116 -4.26 5.76 -14.42
C ASP B 116 -3.24 6.71 -15.04
N TYR B 117 -2.10 6.19 -15.48
CA TYR B 117 -1.00 6.97 -16.03
C TYR B 117 -0.47 6.33 -17.29
N TRP B 118 -0.27 7.09 -18.34
CA TRP B 118 0.15 6.56 -19.61
C TRP B 118 1.44 7.20 -20.07
N GLY B 119 2.18 6.47 -20.90
CA GLY B 119 3.38 6.98 -21.51
C GLY B 119 3.09 7.62 -22.84
N GLN B 120 4.17 8.06 -23.48
CA GLN B 120 4.12 8.50 -24.87
C GLN B 120 4.36 7.35 -25.82
N GLY B 121 4.83 6.20 -25.31
CA GLY B 121 5.05 5.04 -26.14
C GLY B 121 6.44 5.03 -26.74
N THR B 122 6.67 3.98 -27.54
CA THR B 122 7.85 3.86 -28.37
C THR B 122 7.45 3.09 -29.63
N GLN B 123 8.17 3.36 -30.73
CA GLN B 123 7.85 2.71 -32.00
C GLN B 123 8.52 1.35 -32.08
N VAL B 124 7.83 0.41 -32.71
CA VAL B 124 8.36 -0.93 -32.94
C VAL B 124 8.05 -1.28 -34.38
N THR B 125 9.07 -1.52 -35.16
CA THR B 125 8.95 -1.62 -36.61
C THR B 125 9.58 -2.93 -37.07
N VAL B 126 8.82 -3.69 -37.85
CA VAL B 126 9.33 -4.87 -38.57
C VAL B 126 8.63 -4.88 -39.89
#